data_6RYD
#
_entry.id   6RYD
#
_cell.length_a   55.740
_cell.length_b   54.340
_cell.length_c   75.560
_cell.angle_alpha   90.000
_cell.angle_beta   107.540
_cell.angle_gamma   90.000
#
_symmetry.space_group_name_H-M   'P 1 21 1'
#
loop_
_entity.id
_entity.type
_entity.pdbx_description
1 polymer 'Protein WUSCHEL'
2 polymer "DNA (5'-D(*AP*GP*TP*GP*TP*AP*TP*GP*AP*AP*TP*GP*AP*AP*CP*G)-3')"
3 polymer "DNA (5'-D(*CP*GP*TP*TP*CP*AP*TP*TP*CP*AP*TP*AP*CP*AP*CP*T)-3')"
4 non-polymer 'MAGNESIUM ION'
5 water water
#
loop_
_entity_poly.entity_id
_entity_poly.type
_entity_poly.pdbx_seq_one_letter_code
_entity_poly.pdbx_strand_id
1 'polypeptide(L)' GAMGQTSTRWTPTTEQIKILKELYYNNAIRSPTADQIQKITARLRQFGKIEGKNVFYWFQNHKARERQKKRFNGGS A,B,E,F
2 'polydeoxyribonucleotide' (DA)(DG)(DT)(DG)(DT)(DA)(DT)(DG)(DA)(DA)(DT)(DG)(DA)(DA)(DC)(DG) C,G
3 'polydeoxyribonucleotide' (DC)(DG)(DT)(DT)(DC)(DA)(DT)(DT)(DC)(DA)(DT)(DA)(DC)(DA)(DC)(DT) D,H
#
# COMPACT_ATOMS: atom_id res chain seq x y z
N GLN A 5 -33.41 8.48 20.00
CA GLN A 5 -34.86 8.61 19.92
C GLN A 5 -35.26 9.50 18.75
N THR A 6 -34.36 10.42 18.36
CA THR A 6 -34.53 11.19 17.14
C THR A 6 -33.65 10.68 16.00
N SER A 7 -32.86 9.64 16.25
CA SER A 7 -32.13 9.00 15.18
C SER A 7 -33.05 8.10 14.37
N THR A 8 -32.96 8.20 13.05
CA THR A 8 -33.69 7.33 12.15
C THR A 8 -32.89 6.10 11.73
N ARG A 9 -31.72 5.90 12.32
CA ARG A 9 -30.90 4.71 12.06
C ARG A 9 -31.67 3.45 12.44
N TRP A 10 -31.86 2.57 11.46
CA TRP A 10 -32.52 1.28 11.70
C TRP A 10 -31.76 0.48 12.76
N THR A 11 -32.52 -0.11 13.68
CA THR A 11 -31.98 -0.99 14.72
C THR A 11 -32.42 -2.40 14.39
N PRO A 12 -31.56 -3.24 13.80
CA PRO A 12 -31.97 -4.60 13.47
C PRO A 12 -32.30 -5.37 14.74
N THR A 13 -33.27 -6.26 14.64
CA THR A 13 -33.58 -7.07 15.80
C THR A 13 -32.87 -8.42 15.67
N THR A 14 -32.79 -9.15 16.78
CA THR A 14 -32.06 -10.42 16.77
CA THR A 14 -32.06 -10.41 16.77
C THR A 14 -32.61 -11.36 15.72
N GLU A 15 -33.94 -11.41 15.58
CA GLU A 15 -34.52 -12.29 14.56
C GLU A 15 -34.24 -11.78 13.15
N GLN A 16 -34.26 -10.46 12.95
CA GLN A 16 -33.95 -9.94 11.62
C GLN A 16 -32.52 -10.26 11.23
N ILE A 17 -31.58 -10.07 12.16
CA ILE A 17 -30.18 -10.44 11.89
C ILE A 17 -30.07 -11.93 11.63
N LYS A 18 -30.81 -12.73 12.40
CA LYS A 18 -30.78 -14.17 12.18
C LYS A 18 -31.20 -14.52 10.76
N ILE A 19 -32.27 -13.90 10.26
CA ILE A 19 -32.74 -14.20 8.92
C ILE A 19 -31.77 -13.68 7.87
N LEU A 20 -31.26 -12.46 8.08
CA LEU A 20 -30.30 -11.89 7.13
C LEU A 20 -29.06 -12.76 7.01
N LYS A 21 -28.54 -13.26 8.13
CA LYS A 21 -27.37 -14.13 8.04
C LYS A 21 -27.72 -15.45 7.38
N GLU A 22 -28.92 -15.99 7.64
CA GLU A 22 -29.33 -17.19 6.92
C GLU A 22 -29.31 -16.95 5.42
N LEU A 23 -29.86 -15.81 4.99
CA LEU A 23 -29.91 -15.50 3.56
C LEU A 23 -28.50 -15.32 3.00
N TYR A 24 -27.62 -14.69 3.77
CA TYR A 24 -26.27 -14.44 3.30
C TYR A 24 -25.46 -15.72 3.20
N TYR A 25 -25.49 -16.54 4.26
CA TYR A 25 -24.61 -17.70 4.31
C TYR A 25 -25.26 -18.95 3.73
N ASN A 26 -26.53 -19.22 4.04
CA ASN A 26 -27.17 -20.41 3.50
C ASN A 26 -27.55 -20.22 2.03
N ASN A 27 -28.18 -19.09 1.70
CA ASN A 27 -28.70 -18.89 0.36
C ASN A 27 -27.72 -18.20 -0.58
N ALA A 28 -26.57 -17.75 -0.08
CA ALA A 28 -25.52 -17.14 -0.91
C ALA A 28 -25.99 -15.84 -1.57
N ILE A 29 -26.89 -15.10 -0.92
CA ILE A 29 -27.28 -13.79 -1.42
C ILE A 29 -26.24 -12.76 -0.98
N ARG A 30 -25.68 -12.04 -1.96
CA ARG A 30 -24.61 -11.06 -1.75
C ARG A 30 -25.04 -9.65 -2.09
N SER A 31 -25.71 -9.45 -3.22
CA SER A 31 -26.22 -8.16 -3.66
C SER A 31 -27.64 -8.38 -4.14
N PRO A 32 -28.61 -8.37 -3.24
CA PRO A 32 -29.97 -8.74 -3.63
C PRO A 32 -30.55 -7.77 -4.66
N THR A 33 -31.30 -8.31 -5.61
CA THR A 33 -31.96 -7.48 -6.59
C THR A 33 -33.09 -6.69 -5.96
N ALA A 34 -33.65 -5.75 -6.72
CA ALA A 34 -34.77 -4.98 -6.20
C ALA A 34 -35.92 -5.89 -5.79
N ASP A 35 -36.18 -6.95 -6.56
CA ASP A 35 -37.29 -7.84 -6.21
C ASP A 35 -36.95 -8.70 -5.01
N GLN A 36 -35.68 -9.15 -4.89
CA GLN A 36 -35.30 -9.88 -3.69
C GLN A 36 -35.40 -8.99 -2.46
N ILE A 37 -34.97 -7.73 -2.57
CA ILE A 37 -35.11 -6.80 -1.46
C ILE A 37 -36.57 -6.64 -1.07
N GLN A 38 -37.47 -6.55 -2.07
CA GLN A 38 -38.90 -6.47 -1.80
C GLN A 38 -39.35 -7.64 -0.94
N LYS A 39 -38.98 -8.86 -1.33
CA LYS A 39 -39.44 -10.06 -0.62
C LYS A 39 -38.81 -10.15 0.76
N ILE A 40 -37.51 -9.84 0.87
CA ILE A 40 -36.84 -9.94 2.15
C ILE A 40 -37.40 -8.92 3.13
N THR A 41 -37.61 -7.68 2.65
CA THR A 41 -38.13 -6.64 3.51
C THR A 41 -39.50 -7.00 4.04
N ALA A 42 -40.37 -7.53 3.18
CA ALA A 42 -41.72 -7.91 3.59
C ALA A 42 -41.67 -8.99 4.66
N ARG A 43 -40.70 -9.91 4.55
CA ARG A 43 -40.55 -10.93 5.57
C ARG A 43 -40.02 -10.35 6.88
N LEU A 44 -38.98 -9.51 6.80
CA LEU A 44 -38.42 -8.94 8.03
C LEU A 44 -39.38 -7.95 8.67
N ARG A 45 -40.32 -7.41 7.90
CA ARG A 45 -41.25 -6.41 8.40
C ARG A 45 -42.17 -6.98 9.48
N GLN A 46 -42.28 -8.32 9.56
CA GLN A 46 -43.05 -8.97 10.60
C GLN A 46 -42.45 -8.73 11.99
N PHE A 47 -41.17 -8.34 12.07
CA PHE A 47 -40.45 -8.27 13.34
C PHE A 47 -40.07 -6.84 13.74
N GLY A 48 -40.31 -5.85 12.88
CA GLY A 48 -39.88 -4.51 13.20
C GLY A 48 -40.04 -3.63 11.98
N LYS A 49 -40.04 -2.31 12.21
CA LYS A 49 -40.13 -1.39 11.09
C LYS A 49 -38.82 -1.42 10.32
N ILE A 50 -38.93 -1.63 9.02
CA ILE A 50 -37.77 -1.83 8.16
C ILE A 50 -38.18 -1.46 6.75
N GLU A 51 -37.24 -0.94 5.98
CA GLU A 51 -37.46 -0.52 4.62
C GLU A 51 -36.42 -1.18 3.74
N GLY A 52 -36.72 -1.19 2.43
CA GLY A 52 -35.82 -1.85 1.49
C GLY A 52 -34.39 -1.36 1.57
N LYS A 53 -34.20 -0.05 1.75
CA LYS A 53 -32.85 0.48 1.82
C LYS A 53 -32.07 -0.09 3.00
N ASN A 54 -32.76 -0.41 4.11
CA ASN A 54 -32.05 -1.04 5.23
C ASN A 54 -31.46 -2.37 4.82
N VAL A 55 -32.24 -3.17 4.08
CA VAL A 55 -31.78 -4.47 3.58
C VAL A 55 -30.65 -4.27 2.57
N PHE A 56 -30.82 -3.30 1.66
CA PHE A 56 -29.77 -3.03 0.67
C PHE A 56 -28.45 -2.73 1.37
N TYR A 57 -28.47 -1.84 2.36
CA TYR A 57 -27.22 -1.50 3.03
C TYR A 57 -26.67 -2.68 3.82
N TRP A 58 -27.54 -3.47 4.46
CA TRP A 58 -27.04 -4.57 5.29
C TRP A 58 -26.20 -5.52 4.44
N PHE A 59 -26.72 -5.88 3.26
CA PHE A 59 -25.99 -6.81 2.40
C PHE A 59 -24.74 -6.15 1.82
N GLN A 60 -24.85 -4.88 1.43
CA GLN A 60 -23.68 -4.19 0.88
C GLN A 60 -22.57 -4.12 1.92
N ASN A 61 -22.93 -3.75 3.14
CA ASN A 61 -21.92 -3.70 4.20
C ASN A 61 -21.39 -5.08 4.55
N HIS A 62 -22.27 -6.08 4.62
CA HIS A 62 -21.79 -7.40 4.99
C HIS A 62 -20.83 -7.94 3.95
N LYS A 63 -21.15 -7.76 2.67
CA LYS A 63 -20.29 -8.23 1.59
C LYS A 63 -18.95 -7.48 1.59
N ALA A 64 -19.00 -6.15 1.73
CA ALA A 64 -17.77 -5.37 1.70
C ALA A 64 -16.89 -5.67 2.90
N ARG A 65 -17.49 -5.86 4.06
CA ARG A 65 -16.66 -6.07 5.25
C ARG A 65 -16.06 -7.48 5.27
N GLU A 66 -16.74 -8.46 4.68
CA GLU A 66 -16.12 -9.78 4.53
C GLU A 66 -14.86 -9.67 3.66
N ARG A 67 -14.94 -8.90 2.58
CA ARG A 67 -13.76 -8.73 1.73
C ARG A 67 -12.70 -7.88 2.41
N GLN A 68 -13.13 -6.80 3.06
CA GLN A 68 -12.21 -5.88 3.73
C GLN A 68 -11.38 -6.60 4.77
N LYS A 69 -12.00 -7.50 5.53
CA LYS A 69 -11.26 -8.19 6.58
C LYS A 69 -10.20 -9.11 5.99
N LYS A 70 -10.58 -9.89 4.97
CA LYS A 70 -9.62 -10.74 4.29
C LYS A 70 -8.47 -9.91 3.72
N ARG A 71 -8.79 -8.73 3.22
CA ARG A 71 -7.80 -7.83 2.62
C ARG A 71 -6.76 -7.39 3.65
N PHE A 72 -7.19 -6.72 4.72
CA PHE A 72 -6.16 -6.15 5.58
C PHE A 72 -5.64 -7.13 6.62
N ASN A 73 -6.25 -8.31 6.75
CA ASN A 73 -5.68 -9.36 7.59
C ASN A 73 -4.69 -10.20 6.81
N THR B 8 -11.58 -10.93 24.32
CA THR B 8 -10.91 -9.91 25.12
C THR B 8 -10.09 -9.00 24.21
N ARG B 9 -10.35 -7.69 24.31
CA ARG B 9 -9.94 -6.77 23.25
C ARG B 9 -8.43 -6.48 23.30
N TRP B 10 -7.93 -6.02 22.16
CA TRP B 10 -6.55 -5.59 22.04
C TRP B 10 -6.29 -4.34 22.87
N THR B 11 -5.15 -4.33 23.55
CA THR B 11 -4.73 -3.15 24.30
C THR B 11 -3.33 -2.79 23.81
N PRO B 12 -3.19 -1.71 23.04
CA PRO B 12 -1.87 -1.38 22.49
C PRO B 12 -0.84 -1.14 23.57
N THR B 13 0.38 -1.60 23.31
CA THR B 13 1.46 -1.37 24.27
C THR B 13 2.00 0.05 24.12
N THR B 14 2.84 0.44 25.08
CA THR B 14 3.51 1.74 25.01
C THR B 14 4.21 1.94 23.66
N GLU B 15 4.99 0.93 23.23
CA GLU B 15 5.72 1.08 21.97
C GLU B 15 4.79 1.06 20.76
N GLN B 16 3.68 0.31 20.83
CA GLN B 16 2.73 0.32 19.71
C GLN B 16 2.04 1.68 19.58
N ILE B 17 1.58 2.24 20.70
CA ILE B 17 0.92 3.54 20.65
C ILE B 17 1.88 4.60 20.12
N LYS B 18 3.14 4.52 20.52
CA LYS B 18 4.12 5.50 20.04
C LYS B 18 4.27 5.42 18.52
N ILE B 19 4.31 4.19 17.99
CA ILE B 19 4.46 4.01 16.55
C ILE B 19 3.19 4.45 15.82
N LEU B 20 2.03 4.12 16.37
CA LEU B 20 0.77 4.53 15.74
C LEU B 20 0.62 6.05 15.72
N LYS B 21 1.02 6.72 16.79
CA LYS B 21 0.93 8.18 16.81
C LYS B 21 1.95 8.82 15.89
N GLU B 22 3.13 8.20 15.75
CA GLU B 22 4.12 8.68 14.78
C GLU B 22 3.59 8.56 13.35
N LEU B 23 2.98 7.42 13.02
CA LEU B 23 2.38 7.28 11.69
C LEU B 23 1.26 8.29 11.49
N TYR B 24 0.44 8.51 12.51
CA TYR B 24 -0.69 9.41 12.37
C TYR B 24 -0.24 10.85 12.22
N TYR B 25 0.69 11.30 13.05
CA TYR B 25 1.08 12.70 13.10
C TYR B 25 2.31 13.01 12.25
N ASN B 26 3.40 12.25 12.41
CA ASN B 26 4.60 12.57 11.63
C ASN B 26 4.39 12.24 10.15
N ASN B 27 3.78 11.10 9.84
CA ASN B 27 3.59 10.68 8.45
C ASN B 27 2.20 10.97 7.93
N ALA B 28 1.34 11.63 8.72
CA ALA B 28 0.04 12.13 8.28
C ALA B 28 -0.81 11.00 7.68
N ILE B 29 -0.74 9.83 8.28
CA ILE B 29 -1.59 8.70 7.88
C ILE B 29 -2.87 8.76 8.71
N ARG B 30 -3.99 9.09 8.05
CA ARG B 30 -5.29 9.23 8.70
C ARG B 30 -6.21 8.04 8.43
N SER B 31 -6.25 7.59 7.17
CA SER B 31 -7.06 6.46 6.72
C SER B 31 -6.14 5.53 5.94
N PRO B 32 -5.42 4.65 6.63
CA PRO B 32 -4.45 3.80 5.92
C PRO B 32 -5.11 2.95 4.85
N THR B 33 -4.43 2.84 3.72
CA THR B 33 -4.79 1.88 2.71
C THR B 33 -4.64 0.46 3.24
N ALA B 34 -5.27 -0.49 2.56
CA ALA B 34 -5.12 -1.90 2.93
C ALA B 34 -3.65 -2.30 2.94
N ASP B 35 -2.88 -1.81 1.95
CA ASP B 35 -1.45 -2.06 1.90
C ASP B 35 -0.76 -1.57 3.17
N GLN B 36 -1.08 -0.34 3.59
CA GLN B 36 -0.46 0.20 4.79
C GLN B 36 -0.87 -0.58 6.03
N ILE B 37 -2.12 -1.04 6.08
CA ILE B 37 -2.56 -1.74 7.27
C ILE B 37 -1.79 -3.04 7.44
N GLN B 38 -1.56 -3.77 6.34
CA GLN B 38 -0.77 -4.99 6.44
C GLN B 38 0.63 -4.68 6.95
N LYS B 39 1.26 -3.66 6.38
CA LYS B 39 2.64 -3.36 6.73
C LYS B 39 2.74 -2.87 8.17
N ILE B 40 1.79 -2.04 8.60
CA ILE B 40 1.81 -1.54 9.97
C ILE B 40 1.57 -2.68 10.96
N THR B 41 0.60 -3.55 10.66
CA THR B 41 0.34 -4.68 11.54
C THR B 41 1.59 -5.55 11.72
N ALA B 42 2.27 -5.86 10.63
CA ALA B 42 3.47 -6.69 10.73
C ALA B 42 4.52 -6.02 11.60
N ARG B 43 4.65 -4.70 11.51
CA ARG B 43 5.60 -3.98 12.36
C ARG B 43 5.18 -4.05 13.82
N LEU B 44 3.90 -3.85 14.11
CA LEU B 44 3.46 -3.84 15.49
C LEU B 44 3.42 -5.23 16.10
N ARG B 45 3.35 -6.27 15.26
CA ARG B 45 3.31 -7.64 15.77
CA ARG B 45 3.33 -7.65 15.73
C ARG B 45 4.59 -8.00 16.51
N GLN B 46 5.68 -7.26 16.31
CA GLN B 46 6.91 -7.47 17.08
C GLN B 46 6.69 -7.29 18.58
N PHE B 47 5.64 -6.56 18.95
CA PHE B 47 5.44 -6.16 20.34
C PHE B 47 4.27 -6.84 21.01
N GLY B 48 3.45 -7.57 20.26
CA GLY B 48 2.35 -8.30 20.85
C GLY B 48 1.48 -8.90 19.78
N LYS B 49 0.52 -9.69 20.24
CA LYS B 49 -0.48 -10.24 19.34
C LYS B 49 -1.38 -9.13 18.82
N ILE B 50 -1.55 -9.08 17.50
CA ILE B 50 -2.30 -7.99 16.87
C ILE B 50 -2.73 -8.47 15.49
N GLU B 51 -3.85 -7.92 15.01
CA GLU B 51 -4.34 -8.26 13.68
C GLU B 51 -4.69 -6.98 12.93
N GLY B 52 -4.87 -7.11 11.62
CA GLY B 52 -5.13 -5.94 10.80
C GLY B 52 -6.33 -5.14 11.27
N LYS B 53 -7.38 -5.81 11.74
CA LYS B 53 -8.56 -5.06 12.17
C LYS B 53 -8.24 -4.14 13.35
N ASN B 54 -7.28 -4.54 14.20
CA ASN B 54 -6.93 -3.67 15.32
C ASN B 54 -6.36 -2.35 14.81
N VAL B 55 -5.49 -2.43 13.79
CA VAL B 55 -4.91 -1.22 13.23
C VAL B 55 -5.96 -0.41 12.49
N PHE B 56 -6.81 -1.09 11.71
CA PHE B 56 -7.87 -0.37 11.01
C PHE B 56 -8.74 0.43 11.97
N TYR B 57 -9.19 -0.21 13.06
CA TYR B 57 -10.02 0.49 14.02
C TYR B 57 -9.25 1.60 14.72
N TRP B 58 -7.95 1.38 14.98
CA TRP B 58 -7.22 2.40 15.72
C TRP B 58 -7.22 3.72 14.96
N PHE B 59 -6.93 3.66 13.65
CA PHE B 59 -6.90 4.87 12.84
C PHE B 59 -8.30 5.44 12.66
N GLN B 60 -9.30 4.58 12.42
CA GLN B 60 -10.65 5.10 12.23
C GLN B 60 -11.16 5.80 13.48
N ASN B 61 -10.89 5.20 14.65
CA ASN B 61 -11.28 5.84 15.90
C ASN B 61 -10.46 7.10 16.17
N HIS B 62 -9.14 7.03 15.97
CA HIS B 62 -8.31 8.19 16.27
C HIS B 62 -8.68 9.38 15.37
N LYS B 63 -8.94 9.12 14.09
CA LYS B 63 -9.40 10.18 13.19
C LYS B 63 -10.75 10.75 13.64
N ALA B 64 -11.68 9.88 14.03
CA ALA B 64 -13.02 10.34 14.36
C ALA B 64 -13.02 11.20 15.62
N ARG B 65 -12.11 10.96 16.54
CA ARG B 65 -12.14 11.67 17.81
C ARG B 65 -11.06 12.74 17.92
N GLU B 66 -10.31 12.99 16.85
CA GLU B 66 -9.28 14.03 16.88
C GLU B 66 -9.89 15.43 16.83
N GLN E 5 -0.95 15.38 2.30
CA GLN E 5 -2.06 14.95 1.47
C GLN E 5 -2.05 15.61 0.09
N THR E 6 -0.98 16.34 -0.23
CA THR E 6 -0.93 17.04 -1.50
C THR E 6 -0.07 16.34 -2.55
N SER E 7 0.65 15.27 -2.18
CA SER E 7 1.37 14.48 -3.16
C SER E 7 0.40 13.62 -3.97
N THR E 8 0.60 13.59 -5.28
CA THR E 8 -0.16 12.73 -6.17
C THR E 8 0.69 11.57 -6.70
N ARG E 9 1.85 11.34 -6.09
CA ARG E 9 2.71 10.23 -6.47
C ARG E 9 2.01 8.89 -6.21
N TRP E 10 2.04 8.01 -7.20
CA TRP E 10 1.45 6.68 -7.06
C TRP E 10 2.28 5.85 -6.09
N THR E 11 1.60 5.14 -5.19
CA THR E 11 2.24 4.21 -4.27
C THR E 11 1.83 2.80 -4.69
N PRO E 12 2.71 2.06 -5.37
CA PRO E 12 2.32 0.71 -5.84
C PRO E 12 2.04 -0.21 -4.66
N THR E 13 1.00 -1.02 -4.78
CA THR E 13 0.74 -1.99 -3.73
C THR E 13 1.58 -3.23 -3.96
N THR E 14 1.73 -4.04 -2.91
CA THR E 14 2.56 -5.24 -3.00
C THR E 14 2.07 -6.16 -4.12
N GLU E 15 0.75 -6.28 -4.28
CA GLU E 15 0.20 -7.12 -5.33
C GLU E 15 0.43 -6.50 -6.71
N GLN E 16 0.34 -5.17 -6.80
CA GLN E 16 0.63 -4.51 -8.07
C GLN E 16 2.06 -4.75 -8.50
N ILE E 17 3.02 -4.60 -7.57
CA ILE E 17 4.42 -4.82 -7.89
C ILE E 17 4.65 -6.28 -8.31
N LYS E 18 4.05 -7.22 -7.60
CA LYS E 18 4.24 -8.62 -7.97
C LYS E 18 3.78 -8.89 -9.40
N ILE E 19 2.62 -8.35 -9.78
CA ILE E 19 2.13 -8.56 -11.13
C ILE E 19 3.01 -7.85 -12.15
N LEU E 20 3.44 -6.62 -11.84
CA LEU E 20 4.32 -5.90 -12.76
C LEU E 20 5.61 -6.67 -12.99
N LYS E 21 6.21 -7.22 -11.93
CA LYS E 21 7.44 -7.99 -12.13
C LYS E 21 7.18 -9.28 -12.90
N GLU E 22 6.01 -9.91 -12.72
CA GLU E 22 5.67 -11.08 -13.53
C GLU E 22 5.60 -10.72 -15.01
N LEU E 23 4.92 -9.62 -15.32
CA LEU E 23 4.85 -9.16 -16.71
C LEU E 23 6.23 -8.87 -17.27
N TYR E 24 7.10 -8.24 -16.48
CA TYR E 24 8.43 -7.90 -16.98
C TYR E 24 9.27 -9.15 -17.20
N TYR E 25 9.34 -10.01 -16.18
CA TYR E 25 10.31 -11.10 -16.23
C TYR E 25 9.77 -12.33 -16.93
N ASN E 26 8.50 -12.66 -16.72
CA ASN E 26 7.95 -13.86 -17.32
C ASN E 26 7.37 -13.62 -18.71
N ASN E 27 6.78 -12.44 -18.95
CA ASN E 27 6.16 -12.16 -20.24
C ASN E 27 7.00 -11.26 -21.12
N ALA E 28 8.15 -10.81 -20.64
CA ALA E 28 9.13 -10.08 -21.47
C ALA E 28 8.62 -8.73 -21.91
N ILE E 29 7.68 -8.15 -21.17
CA ILE E 29 7.19 -6.82 -21.50
C ILE E 29 8.24 -5.78 -21.07
N ARG E 30 8.59 -4.90 -22.00
CA ARG E 30 9.58 -3.85 -21.76
C ARG E 30 9.01 -2.47 -21.97
N SER E 31 8.26 -2.28 -23.05
CA SER E 31 7.67 -1.01 -23.43
C SER E 31 6.24 -1.31 -23.83
N PRO E 32 5.34 -1.50 -22.85
CA PRO E 32 3.99 -1.94 -23.18
C PRO E 32 3.32 -0.94 -24.12
N THR E 33 2.58 -1.47 -25.08
CA THR E 33 1.84 -0.63 -26.00
C THR E 33 0.69 0.05 -25.25
N ALA E 34 0.08 1.05 -25.91
CA ALA E 34 -1.05 1.72 -25.28
C ALA E 34 -2.15 0.73 -24.92
N ASP E 35 -2.38 -0.28 -25.76
CA ASP E 35 -3.41 -1.27 -25.47
C ASP E 35 -2.99 -2.19 -24.31
N GLN E 36 -1.72 -2.59 -24.27
CA GLN E 36 -1.27 -3.40 -23.14
C GLN E 36 -1.37 -2.60 -21.84
N ILE E 37 -0.99 -1.33 -21.88
CA ILE E 37 -1.12 -0.48 -20.70
C ILE E 37 -2.57 -0.42 -20.26
N GLN E 38 -3.50 -0.28 -21.23
CA GLN E 38 -4.93 -0.27 -20.93
C GLN E 38 -5.33 -1.52 -20.13
N LYS E 39 -4.92 -2.70 -20.62
CA LYS E 39 -5.32 -3.94 -19.95
C LYS E 39 -4.64 -4.09 -18.59
N ILE E 40 -3.36 -3.78 -18.51
CA ILE E 40 -2.64 -3.91 -17.26
C ILE E 40 -3.23 -2.97 -16.22
N THR E 41 -3.48 -1.72 -16.60
CA THR E 41 -4.03 -0.76 -15.66
C THR E 41 -5.38 -1.23 -15.15
N ALA E 42 -6.22 -1.74 -16.05
CA ALA E 42 -7.55 -2.18 -15.63
C ALA E 42 -7.45 -3.34 -14.65
N ARG E 43 -6.48 -4.24 -14.86
CA ARG E 43 -6.27 -5.33 -13.92
C ARG E 43 -5.74 -4.80 -12.58
N LEU E 44 -4.75 -3.90 -12.63
CA LEU E 44 -4.19 -3.36 -11.40
C LEU E 44 -5.15 -2.40 -10.70
N ARG E 45 -6.10 -1.82 -11.44
CA ARG E 45 -7.10 -0.92 -10.86
C ARG E 45 -7.92 -1.63 -9.80
N GLN E 46 -7.92 -2.96 -9.81
CA GLN E 46 -8.62 -3.73 -8.78
C GLN E 46 -8.00 -3.52 -7.40
N PHE E 47 -6.71 -3.27 -7.32
CA PHE E 47 -6.01 -3.23 -6.04
C PHE E 47 -5.74 -1.81 -5.54
N GLY E 48 -6.12 -0.78 -6.29
CA GLY E 48 -5.79 0.57 -5.89
C GLY E 48 -5.90 1.52 -7.06
N LYS E 49 -5.94 2.81 -6.71
CA LYS E 49 -6.08 3.85 -7.72
C LYS E 49 -4.80 3.95 -8.53
N ILE E 50 -4.93 3.83 -9.85
CA ILE E 50 -3.77 3.77 -10.73
C ILE E 50 -4.23 4.22 -12.10
N GLU E 51 -3.33 4.84 -12.85
CA GLU E 51 -3.61 5.31 -14.19
C GLU E 51 -2.57 4.73 -15.15
N GLY E 52 -2.89 4.81 -16.44
CA GLY E 52 -2.00 4.25 -17.45
C GLY E 52 -0.58 4.79 -17.36
N LYS E 53 -0.44 6.09 -17.07
CA LYS E 53 0.89 6.69 -16.97
C LYS E 53 1.73 6.04 -15.88
N ASN E 54 1.12 5.58 -14.79
CA ASN E 54 1.89 4.91 -13.74
C ASN E 54 2.50 3.63 -14.26
N VAL E 55 1.75 2.87 -15.06
CA VAL E 55 2.26 1.64 -15.64
C VAL E 55 3.34 1.95 -16.68
N PHE E 56 3.10 2.97 -17.51
CA PHE E 56 4.08 3.38 -18.51
C PHE E 56 5.42 3.68 -17.85
N TYR E 57 5.42 4.51 -16.80
CA TYR E 57 6.67 4.87 -16.14
C TYR E 57 7.29 3.68 -15.42
N TRP E 58 6.45 2.82 -14.81
CA TRP E 58 7.01 1.67 -14.09
C TRP E 58 7.88 0.84 -15.01
N PHE E 59 7.38 0.54 -16.21
CA PHE E 59 8.15 -0.28 -17.14
C PHE E 59 9.34 0.49 -17.70
N GLN E 60 9.15 1.77 -18.00
CA GLN E 60 10.26 2.55 -18.53
C GLN E 60 11.39 2.63 -17.51
N ASN E 61 11.05 2.87 -16.25
CA ASN E 61 12.08 2.93 -15.21
C ASN E 61 12.67 1.56 -14.96
N HIS E 62 11.85 0.52 -14.91
CA HIS E 62 12.41 -0.79 -14.63
C HIS E 62 13.37 -1.19 -15.73
N LYS E 63 13.00 -0.95 -16.98
CA LYS E 63 13.87 -1.27 -18.11
C LYS E 63 15.15 -0.46 -18.06
N ALA E 64 15.03 0.83 -17.77
CA ALA E 64 16.24 1.65 -17.78
C ALA E 64 17.17 1.24 -16.66
N ARG E 65 16.59 0.87 -15.51
CA ARG E 65 17.44 0.56 -14.37
C ARG E 65 18.03 -0.84 -14.44
N GLU E 66 17.41 -1.76 -15.19
CA GLU E 66 18.07 -3.03 -15.48
CA GLU E 66 18.08 -3.03 -15.46
C GLU E 66 19.30 -2.81 -16.35
N ARG E 67 19.22 -1.89 -17.31
CA ARG E 67 20.39 -1.61 -18.13
C ARG E 67 21.47 -0.89 -17.33
N GLN E 68 21.05 -0.03 -16.39
CA GLN E 68 21.99 0.64 -15.51
C GLN E 68 22.75 -0.35 -14.62
N LYS E 69 22.05 -1.35 -14.09
CA LYS E 69 22.70 -2.41 -13.33
C LYS E 69 23.78 -3.12 -14.14
N LYS E 70 23.48 -3.41 -15.40
CA LYS E 70 24.48 -4.05 -16.27
C LYS E 70 25.71 -3.16 -16.42
N ARG E 71 25.49 -1.86 -16.62
CA ARG E 71 26.63 -0.96 -16.77
C ARG E 71 27.47 -0.90 -15.50
N PHE E 72 26.86 -1.05 -14.33
CA PHE E 72 27.63 -1.11 -13.09
C PHE E 72 28.48 -2.37 -13.07
N ARG F 9 24.01 -2.19 4.22
CA ARG F 9 24.13 -0.77 3.90
C ARG F 9 25.59 -0.31 3.93
N TRP F 10 26.05 0.21 2.80
CA TRP F 10 27.41 0.70 2.68
C TRP F 10 27.62 1.92 3.57
N THR F 11 28.77 1.98 4.22
CA THR F 11 29.15 3.15 5.02
C THR F 11 30.52 3.57 4.55
N PRO F 12 30.65 4.73 3.91
CA PRO F 12 31.95 5.15 3.39
C PRO F 12 32.98 5.33 4.50
N THR F 13 34.20 4.87 4.22
CA THR F 13 35.29 5.11 5.16
C THR F 13 35.76 6.56 5.08
N THR F 14 36.57 6.97 6.05
CA THR F 14 37.15 8.32 6.04
CA THR F 14 37.08 8.34 6.02
C THR F 14 37.80 8.62 4.70
N GLU F 15 38.62 7.67 4.22
CA GLU F 15 39.33 7.90 2.96
C GLU F 15 38.36 7.95 1.78
N GLN F 16 37.34 7.10 1.78
CA GLN F 16 36.38 7.15 0.67
C GLN F 16 35.64 8.49 0.66
N ILE F 17 35.17 8.95 1.83
CA ILE F 17 34.37 10.16 1.84
C ILE F 17 35.21 11.39 1.50
N LYS F 18 36.48 11.40 1.92
CA LYS F 18 37.36 12.50 1.51
C LYS F 18 37.48 12.57 0.00
N ILE F 19 37.66 11.43 -0.66
CA ILE F 19 37.79 11.41 -2.11
C ILE F 19 36.49 11.86 -2.78
N LEU F 20 35.35 11.35 -2.30
CA LEU F 20 34.06 11.71 -2.91
C LEU F 20 33.80 13.21 -2.80
N LYS F 21 34.06 13.80 -1.63
CA LYS F 21 33.85 15.23 -1.46
C LYS F 21 34.80 16.04 -2.32
N GLU F 22 36.05 15.59 -2.46
CA GLU F 22 36.98 16.27 -3.36
C GLU F 22 36.46 16.27 -4.79
N LEU F 23 35.95 15.12 -5.26
CA LEU F 23 35.38 15.05 -6.60
C LEU F 23 34.20 15.99 -6.74
N TYR F 24 33.30 16.00 -5.75
CA TYR F 24 32.11 16.82 -5.86
C TYR F 24 32.44 18.31 -5.84
N TYR F 25 33.30 18.73 -4.91
CA TYR F 25 33.50 20.16 -4.67
C TYR F 25 34.68 20.74 -5.43
N ASN F 26 35.83 20.04 -5.45
CA ASN F 26 36.99 20.55 -6.16
C ASN F 26 37.00 20.21 -7.64
N ASN F 27 36.34 19.12 -8.05
CA ASN F 27 36.32 18.69 -9.43
C ASN F 27 34.96 18.87 -10.10
N ALA F 28 33.98 19.42 -9.38
CA ALA F 28 32.67 19.78 -9.91
C ALA F 28 31.94 18.59 -10.53
N ILE F 29 32.25 17.39 -10.07
CA ILE F 29 31.55 16.18 -10.53
C ILE F 29 30.30 16.01 -9.68
N ARG F 30 29.14 16.21 -10.28
CA ARG F 30 27.91 16.12 -9.52
C ARG F 30 26.97 15.03 -10.02
N SER F 31 27.02 14.70 -11.31
CA SER F 31 26.23 13.61 -11.90
C SER F 31 27.17 12.79 -12.77
N PRO F 32 27.97 11.91 -12.17
CA PRO F 32 28.99 11.19 -12.95
C PRO F 32 28.39 10.32 -14.04
N THR F 33 29.12 10.20 -15.14
CA THR F 33 28.76 9.28 -16.20
C THR F 33 28.97 7.84 -15.73
N ALA F 34 28.43 6.90 -16.50
CA ALA F 34 28.60 5.48 -16.16
C ALA F 34 30.07 5.10 -16.10
N ASP F 35 30.88 5.58 -17.05
CA ASP F 35 32.29 5.23 -17.00
C ASP F 35 32.98 5.87 -15.80
N GLN F 36 32.62 7.12 -15.47
CA GLN F 36 33.14 7.74 -14.26
C GLN F 36 32.75 6.94 -13.01
N ILE F 37 31.52 6.42 -12.99
CA ILE F 37 31.09 5.61 -11.85
C ILE F 37 31.94 4.35 -11.75
N GLN F 38 32.18 3.68 -12.88
CA GLN F 38 32.96 2.45 -12.81
C GLN F 38 34.39 2.72 -12.36
N LYS F 39 34.93 3.89 -12.71
CA LYS F 39 36.31 4.22 -12.35
C LYS F 39 36.41 4.78 -10.94
N ILE F 40 35.41 5.56 -10.50
CA ILE F 40 35.39 6.02 -9.11
C ILE F 40 35.19 4.82 -8.18
N THR F 41 34.28 3.91 -8.53
CA THR F 41 34.08 2.71 -7.72
C THR F 41 35.37 1.92 -7.59
N ALA F 42 36.05 1.68 -8.72
CA ALA F 42 37.30 0.92 -8.68
C ALA F 42 38.34 1.62 -7.81
N ARG F 43 38.40 2.95 -7.87
CA ARG F 43 39.31 3.70 -7.02
C ARG F 43 38.97 3.53 -5.55
N LEU F 44 37.67 3.62 -5.20
CA LEU F 44 37.25 3.48 -3.81
C LEU F 44 37.35 2.05 -3.31
N ARG F 45 37.37 1.06 -4.22
CA ARG F 45 37.41 -0.34 -3.85
C ARG F 45 38.68 -0.69 -3.09
N GLN F 46 39.72 0.13 -3.21
CA GLN F 46 40.95 -0.10 -2.46
C GLN F 46 40.70 -0.11 -0.95
N PHE F 47 39.64 0.56 -0.49
CA PHE F 47 39.44 0.80 0.93
C PHE F 47 38.33 -0.02 1.56
N GLY F 48 37.48 -0.67 0.76
CA GLY F 48 36.42 -1.49 1.34
C GLY F 48 35.56 -2.07 0.26
N LYS F 49 34.64 -2.92 0.68
CA LYS F 49 33.65 -3.48 -0.23
C LYS F 49 32.71 -2.37 -0.70
N ILE F 50 32.62 -2.16 -2.01
CA ILE F 50 31.80 -1.09 -2.58
C ILE F 50 31.43 -1.51 -4.00
N GLU F 51 30.29 -1.01 -4.47
CA GLU F 51 29.85 -1.32 -5.81
C GLU F 51 29.32 -0.06 -6.48
N GLY F 52 29.05 -0.18 -7.79
CA GLY F 52 28.72 1.00 -8.57
C GLY F 52 27.51 1.75 -8.04
N LYS F 53 26.48 1.02 -7.59
CA LYS F 53 25.28 1.70 -7.10
C LYS F 53 25.59 2.56 -5.88
N ASN F 54 26.56 2.16 -5.05
CA ASN F 54 26.93 2.99 -3.92
C ASN F 54 27.43 4.36 -4.37
N VAL F 55 28.29 4.38 -5.38
CA VAL F 55 28.81 5.64 -5.89
C VAL F 55 27.70 6.43 -6.59
N PHE F 56 26.87 5.75 -7.38
CA PHE F 56 25.78 6.45 -8.04
C PHE F 56 24.87 7.14 -7.03
N TYR F 57 24.44 6.41 -6.00
CA TYR F 57 23.57 7.03 -5.01
C TYR F 57 24.28 8.14 -4.25
N TRP F 58 25.57 8.00 -3.98
CA TRP F 58 26.26 9.02 -3.18
C TRP F 58 26.17 10.39 -3.85
N PHE F 59 26.45 10.44 -5.16
CA PHE F 59 26.39 11.71 -5.87
C PHE F 59 24.97 12.21 -6.04
N GLN F 60 24.01 11.31 -6.32
CA GLN F 60 22.63 11.75 -6.47
C GLN F 60 22.11 12.37 -5.18
N ASN F 61 22.36 11.71 -4.05
CA ASN F 61 21.92 12.21 -2.75
C ASN F 61 22.64 13.50 -2.37
N HIS F 62 23.95 13.55 -2.61
CA HIS F 62 24.70 14.73 -2.19
C HIS F 62 24.29 15.96 -2.96
N LYS F 63 24.04 15.80 -4.26
CA LYS F 63 23.57 16.89 -5.10
C LYS F 63 22.20 17.38 -4.66
N ALA F 64 21.29 16.44 -4.37
CA ALA F 64 19.93 16.81 -3.97
C ALA F 64 19.91 17.54 -2.63
N ARG F 65 20.83 17.18 -1.72
CA ARG F 65 20.83 17.74 -0.38
C ARG F 65 21.75 18.95 -0.26
N GLU F 66 22.48 19.30 -1.30
CA GLU F 66 23.21 20.55 -1.36
C GLU F 66 22.31 21.69 -1.80
#